data_3L6X
#
_entry.id   3L6X
#
_cell.length_a   92.403
_cell.length_b   92.403
_cell.length_c   171.890
_cell.angle_alpha   90.000
_cell.angle_beta   90.000
_cell.angle_gamma   120.000
#
_symmetry.space_group_name_H-M   'P 31 2 1'
#
loop_
_entity.id
_entity.type
_entity.pdbx_description
1 polymer 'Catenin delta-1'
2 polymer E-cadherin
3 non-polymer 'SULFATE ION'
4 water water
#
loop_
_entity_poly.entity_id
_entity_poly.type
_entity_poly.pdbx_seq_one_letter_code
_entity_poly.pdbx_strand_id
1 'polypeptide(L)'
;GSPEFMIGEEVPSDQYYWAPLAQHERGSLASLDSLRKGGPPPPNWRQPELPEVIAMLGFRLDAVKSNAAAYLQHLCYRND
KVKTDVRKLKGIPVLVGLLDHPKKEVHLGACGALKNISFGRDQDNKIAIKNCDGVPALVRLLRKARDMDLTEVITGTLWN
LSSHDSIKMEIVDHALHALTDEVIIPHSGWEREPNEDCKPRHIEWESVLTNTAGCLRNVSSERSEARRKLRECDGLVDAL
IFIVQAEIGQKDSDSKLVENCVCLLRNLSYQVHREIPQAERYQEAAPNVANNTGTSPARGYELLFQPEVVRIYISLLKES
KTPAILEASAGAIQNLCAGRWTYGRYIRSALRQEKALSAIADLLTNEHERVVKAASGALRNLAVDARNKELIGKHAIPNL
VKNLPGGQQNSSWNFSEDTVISILNTINEVIAENLEAAKKLRETQGIEKLVLINKSGNRSEKEVRAAALVLQTIWGYKEL
RKPLEKEGWKKSDFQVNLNNASRSQSSHSYDDSTLPLIDRNQKSDKKPDREEIQMSNMGSNTKSLDNNYSTPNERGDHNR
TLDRSGDLGDMEPLKGTTPLMQKI
;
A
2 'polypeptide(L)' DEEGGGEEDQDFDLSQLH B
#
loop_
_chem_comp.id
_chem_comp.type
_chem_comp.name
_chem_comp.formula
SO4 non-polymer 'SULFATE ION' 'O4 S -2'
#
# COMPACT_ATOMS: atom_id res chain seq x y z
N PRO A 40 6.51 -18.10 57.79
CA PRO A 40 5.66 -17.21 56.98
C PRO A 40 6.19 -17.18 55.53
N PRO A 41 5.37 -16.70 54.57
CA PRO A 41 5.57 -16.92 53.11
C PRO A 41 6.44 -15.89 52.36
N PRO A 42 7.75 -16.17 52.20
CA PRO A 42 8.62 -15.31 51.39
C PRO A 42 8.04 -15.03 50.02
N PRO A 43 8.42 -13.92 49.39
CA PRO A 43 8.09 -13.76 47.97
C PRO A 43 8.75 -14.87 47.15
N ASN A 44 8.24 -15.10 45.95
CA ASN A 44 8.65 -16.28 45.21
C ASN A 44 8.44 -16.11 43.72
N TRP A 45 8.77 -17.12 42.93
CA TRP A 45 8.67 -16.95 41.49
C TRP A 45 7.53 -17.76 40.87
N ARG A 46 6.47 -18.05 41.62
CA ARG A 46 5.40 -18.85 41.04
C ARG A 46 4.65 -18.06 39.96
N GLN A 47 4.26 -18.77 38.91
CA GLN A 47 3.55 -18.19 37.77
C GLN A 47 2.06 -18.30 37.99
N PRO A 48 1.40 -17.16 38.19
CA PRO A 48 -0.05 -17.16 38.34
C PRO A 48 -0.72 -17.62 37.06
N GLU A 49 -1.94 -18.15 37.15
CA GLU A 49 -2.72 -18.53 35.96
C GLU A 49 -3.28 -17.32 35.25
N LEU A 50 -3.58 -17.47 33.97
CA LEU A 50 -4.17 -16.37 33.19
C LEU A 50 -5.29 -15.62 33.90
N PRO A 51 -6.26 -16.36 34.48
CA PRO A 51 -7.36 -15.66 35.11
C PRO A 51 -6.90 -14.79 36.28
N GLU A 52 -5.92 -15.28 37.03
CA GLU A 52 -5.35 -14.49 38.13
C GLU A 52 -4.68 -13.20 37.60
N VAL A 53 -3.90 -13.35 36.54
CA VAL A 53 -3.24 -12.18 35.94
C VAL A 53 -4.28 -11.16 35.53
N ILE A 54 -5.34 -11.64 34.89
CA ILE A 54 -6.37 -10.73 34.44
C ILE A 54 -7.05 -10.04 35.63
N ALA A 55 -7.35 -10.79 36.69
CA ALA A 55 -7.95 -10.18 37.88
C ALA A 55 -7.01 -9.14 38.48
N MET A 56 -5.71 -9.42 38.44
CA MET A 56 -4.74 -8.49 38.98
C MET A 56 -4.74 -7.16 38.27
N LEU A 57 -5.18 -7.14 37.02
CA LEU A 57 -5.41 -5.87 36.32
C LEU A 57 -6.29 -4.91 37.15
N GLY A 58 -7.17 -5.46 37.98
CA GLY A 58 -8.02 -4.63 38.85
C GLY A 58 -7.63 -4.48 40.31
N PHE A 59 -6.42 -4.90 40.70
CA PHE A 59 -5.96 -4.70 42.09
C PHE A 59 -5.67 -3.22 42.39
N ARG A 60 -5.87 -2.84 43.64
CA ARG A 60 -5.71 -1.45 44.08
C ARG A 60 -4.30 -0.92 43.82
N LEU A 61 -3.29 -1.78 43.97
CA LEU A 61 -1.91 -1.35 43.82
C LEU A 61 -1.56 -1.19 42.35
N ASP A 62 -1.26 0.04 41.96
CA ASP A 62 -0.85 0.33 40.61
C ASP A 62 0.28 -0.57 40.14
N ALA A 63 1.21 -0.87 41.04
CA ALA A 63 2.36 -1.67 40.69
C ALA A 63 1.95 -3.10 40.33
N VAL A 64 0.88 -3.60 40.93
CA VAL A 64 0.37 -4.92 40.51
C VAL A 64 -0.30 -4.82 39.13
N LYS A 65 -1.13 -3.80 38.94
CA LYS A 65 -1.79 -3.62 37.65
C LYS A 65 -0.74 -3.59 36.55
N SER A 66 0.31 -2.79 36.76
CA SER A 66 1.28 -2.55 35.68
C SER A 66 2.14 -3.78 35.42
N ASN A 67 2.62 -4.44 36.47
CA ASN A 67 3.31 -5.73 36.29
C ASN A 67 2.44 -6.83 35.70
N ALA A 68 1.17 -6.84 36.05
CA ALA A 68 0.25 -7.81 35.42
C ALA A 68 0.05 -7.50 33.93
N ALA A 69 -0.09 -6.24 33.57
CA ALA A 69 -0.27 -5.91 32.14
C ALA A 69 1.00 -6.30 31.38
N ALA A 70 2.15 -6.00 31.99
CA ALA A 70 3.42 -6.24 31.35
C ALA A 70 3.61 -7.76 31.16
N TYR A 71 3.32 -8.51 32.22
CA TYR A 71 3.49 -9.95 32.21
C TYR A 71 2.55 -10.53 31.17
N LEU A 72 1.33 -10.02 31.18
CA LEU A 72 0.34 -10.38 30.17
C LEU A 72 0.89 -10.15 28.73
N GLN A 73 1.44 -8.97 28.48
CA GLN A 73 2.05 -8.71 27.18
C GLN A 73 3.05 -9.82 26.86
N HIS A 74 3.90 -10.15 27.83
CA HIS A 74 4.87 -11.20 27.63
C HIS A 74 4.23 -12.57 27.33
N LEU A 75 3.21 -12.94 28.09
CA LEU A 75 2.49 -14.20 27.82
C LEU A 75 1.92 -14.27 26.38
N CYS A 76 1.34 -13.16 25.91
CA CYS A 76 0.75 -13.09 24.58
C CYS A 76 1.76 -13.14 23.45
N TYR A 77 2.99 -12.74 23.74
CA TYR A 77 3.98 -12.62 22.69
C TYR A 77 4.15 -13.90 21.90
N ARG A 78 3.90 -13.85 20.59
CA ARG A 78 4.05 -15.02 19.70
C ARG A 78 3.22 -16.23 20.17
N ASN A 79 2.07 -15.96 20.77
CA ASN A 79 1.22 -17.02 21.32
C ASN A 79 -0.24 -16.71 21.04
N ASP A 80 -0.67 -16.99 19.81
CA ASP A 80 -2.06 -16.83 19.40
C ASP A 80 -3.06 -17.37 20.43
N LYS A 81 -2.81 -18.57 20.95
CA LYS A 81 -3.74 -19.17 21.90
C LYS A 81 -3.94 -18.27 23.13
N VAL A 82 -2.85 -17.77 23.70
CA VAL A 82 -2.98 -16.91 24.85
C VAL A 82 -3.78 -15.65 24.51
N LYS A 83 -3.48 -15.02 23.37
CA LYS A 83 -4.25 -13.85 22.95
C LYS A 83 -5.76 -14.17 22.95
N THR A 84 -6.11 -15.32 22.42
CA THR A 84 -7.51 -15.68 22.28
C THR A 84 -8.14 -15.96 23.65
N ASP A 85 -7.39 -16.61 24.52
CA ASP A 85 -7.88 -16.82 25.88
C ASP A 85 -8.12 -15.52 26.62
N VAL A 86 -7.24 -14.53 26.46
CA VAL A 86 -7.45 -13.23 27.08
C VAL A 86 -8.78 -12.63 26.66
N ARG A 87 -9.11 -12.76 25.37
CA ARG A 87 -10.39 -12.28 24.88
C ARG A 87 -11.49 -12.98 25.63
N LYS A 88 -11.42 -14.31 25.70
CA LYS A 88 -12.49 -15.12 26.27
C LYS A 88 -12.65 -14.91 27.76
N LEU A 89 -11.55 -14.62 28.43
CA LEU A 89 -11.60 -14.31 29.84
C LEU A 89 -12.05 -12.89 30.04
N LYS A 90 -12.42 -12.23 28.95
CA LYS A 90 -12.89 -10.84 29.03
C LYS A 90 -11.80 -9.89 29.51
N GLY A 91 -10.54 -10.17 29.21
CA GLY A 91 -9.48 -9.24 29.58
C GLY A 91 -9.42 -7.94 28.77
N ILE A 92 -9.95 -7.98 27.56
CA ILE A 92 -9.73 -6.85 26.65
C ILE A 92 -10.34 -5.52 27.12
N PRO A 93 -11.63 -5.53 27.54
CA PRO A 93 -12.20 -4.32 28.12
C PRO A 93 -11.44 -3.86 29.38
N VAL A 94 -10.94 -4.79 30.18
CA VAL A 94 -10.10 -4.40 31.31
C VAL A 94 -8.88 -3.64 30.79
N LEU A 95 -8.12 -4.25 29.88
CA LEU A 95 -6.96 -3.54 29.30
C LEU A 95 -7.34 -2.18 28.71
N VAL A 96 -8.45 -2.12 28.00
CA VAL A 96 -8.87 -0.85 27.42
C VAL A 96 -9.18 0.19 28.50
N GLY A 97 -9.93 -0.20 29.54
CA GLY A 97 -10.18 0.69 30.67
C GLY A 97 -8.89 1.29 31.22
N LEU A 98 -7.84 0.47 31.32
CA LEU A 98 -6.59 0.96 31.87
C LEU A 98 -5.88 2.02 31.02
N LEU A 99 -6.32 2.24 29.77
CA LEU A 99 -5.71 3.30 28.95
C LEU A 99 -5.99 4.67 29.59
N ASP A 100 -7.10 4.76 30.32
CA ASP A 100 -7.50 6.00 31.00
C ASP A 100 -6.80 6.16 32.36
N HIS A 101 -6.03 5.16 32.79
CA HIS A 101 -5.32 5.31 34.05
C HIS A 101 -4.27 6.42 33.97
N PRO A 102 -4.25 7.31 34.98
CA PRO A 102 -3.32 8.45 35.01
C PRO A 102 -1.84 8.07 35.05
N LYS A 103 -1.49 6.89 35.54
CA LYS A 103 -0.08 6.53 35.67
C LYS A 103 0.53 5.81 34.45
N LYS A 104 1.58 6.38 33.89
CA LYS A 104 2.14 5.89 32.64
C LYS A 104 2.48 4.40 32.67
N GLU A 105 2.93 3.92 33.82
CA GLU A 105 3.30 2.52 33.96
C GLU A 105 2.11 1.61 33.71
N VAL A 106 0.93 2.07 34.13
CA VAL A 106 -0.30 1.32 33.94
C VAL A 106 -0.81 1.48 32.51
N HIS A 107 -1.01 2.72 32.05
CA HIS A 107 -1.58 2.87 30.70
C HIS A 107 -0.63 2.38 29.60
N LEU A 108 0.67 2.69 29.71
CA LEU A 108 1.64 2.15 28.79
C LEU A 108 1.68 0.62 28.90
N GLY A 109 1.65 0.09 30.13
CA GLY A 109 1.59 -1.35 30.32
C GLY A 109 0.39 -1.97 29.62
N ALA A 110 -0.80 -1.40 29.87
CA ALA A 110 -2.01 -1.91 29.22
C ALA A 110 -1.89 -1.82 27.70
N CYS A 111 -1.29 -0.73 27.22
CA CYS A 111 -1.19 -0.56 25.78
C CYS A 111 -0.27 -1.57 25.10
N GLY A 112 0.84 -1.92 25.75
CA GLY A 112 1.79 -2.87 25.18
C GLY A 112 1.07 -4.20 25.06
N ALA A 113 0.26 -4.53 26.06
CA ALA A 113 -0.51 -5.78 25.99
C ALA A 113 -1.53 -5.74 24.82
N LEU A 114 -2.26 -4.65 24.70
CA LEU A 114 -3.24 -4.52 23.58
C LEU A 114 -2.57 -4.60 22.21
N LYS A 115 -1.37 -4.06 22.12
CA LYS A 115 -0.65 -4.13 20.87
C LYS A 115 -0.41 -5.57 20.46
N ASN A 116 0.08 -6.39 21.38
CA ASN A 116 0.31 -7.80 21.10
C ASN A 116 -1.00 -8.52 20.81
N ILE A 117 -2.05 -8.13 21.51
CA ILE A 117 -3.34 -8.79 21.31
C ILE A 117 -3.91 -8.38 19.96
N SER A 118 -3.63 -7.15 19.51
CA SER A 118 -4.14 -6.70 18.22
C SER A 118 -3.37 -7.28 17.03
N PHE A 119 -2.36 -8.09 17.32
CA PHE A 119 -1.54 -8.71 16.27
C PHE A 119 -1.81 -10.20 16.19
N GLY A 120 -1.84 -10.76 14.99
CA GLY A 120 -2.03 -12.21 14.83
C GLY A 120 -3.24 -12.62 14.00
N ARG A 121 -3.44 -13.92 13.84
CA ARG A 121 -4.45 -14.50 12.95
C ARG A 121 -5.90 -14.46 13.46
N ASP A 122 -6.10 -14.45 14.77
CA ASP A 122 -7.44 -14.41 15.30
C ASP A 122 -8.01 -12.98 15.23
N GLN A 123 -8.75 -12.72 14.16
CA GLN A 123 -9.20 -11.36 13.86
C GLN A 123 -10.27 -10.90 14.85
N ASP A 124 -10.85 -11.84 15.59
CA ASP A 124 -11.78 -11.46 16.64
C ASP A 124 -11.10 -10.67 17.78
N ASN A 125 -9.80 -10.88 17.97
CA ASN A 125 -9.08 -10.12 18.97
C ASN A 125 -9.09 -8.64 18.61
N LYS A 126 -8.94 -8.33 17.32
CA LYS A 126 -8.99 -6.93 16.88
C LYS A 126 -10.41 -6.40 17.04
N ILE A 127 -11.40 -7.20 16.66
CA ILE A 127 -12.79 -6.76 16.76
C ILE A 127 -13.20 -6.48 18.21
N ALA A 128 -12.71 -7.30 19.13
CA ALA A 128 -13.06 -7.08 20.53
C ALA A 128 -12.52 -5.73 20.99
N ILE A 129 -11.35 -5.34 20.53
CA ILE A 129 -10.79 -4.06 20.94
C ILE A 129 -11.68 -2.94 20.41
N LYS A 130 -12.08 -3.06 19.15
CA LYS A 130 -12.98 -2.10 18.60
C LYS A 130 -14.30 -2.04 19.39
N ASN A 131 -14.86 -3.19 19.73
CA ASN A 131 -16.21 -3.23 20.32
C ASN A 131 -16.33 -2.67 21.73
N CYS A 132 -15.23 -2.56 22.47
CA CYS A 132 -15.30 -1.91 23.76
C CYS A 132 -14.73 -0.49 23.65
N ASP A 133 -14.87 0.10 22.46
CA ASP A 133 -14.40 1.46 22.19
C ASP A 133 -12.88 1.63 22.36
N GLY A 134 -12.12 0.61 21.97
CA GLY A 134 -10.66 0.70 22.06
C GLY A 134 -10.05 1.84 21.26
N VAL A 135 -10.64 2.17 20.10
CA VAL A 135 -10.07 3.21 19.26
C VAL A 135 -10.21 4.60 19.89
N PRO A 136 -11.43 4.98 20.28
CA PRO A 136 -11.52 6.22 21.06
C PRO A 136 -10.56 6.24 22.25
N ALA A 137 -10.42 5.12 22.95
CA ALA A 137 -9.56 5.08 24.14
C ALA A 137 -8.11 5.32 23.73
N LEU A 138 -7.68 4.64 22.67
CA LEU A 138 -6.33 4.85 22.13
C LEU A 138 -6.12 6.30 21.71
N VAL A 139 -7.15 6.89 21.14
CA VAL A 139 -7.05 8.24 20.66
C VAL A 139 -6.97 9.23 21.84
N ARG A 140 -7.78 9.00 22.85
CA ARG A 140 -7.77 9.82 24.05
C ARG A 140 -6.36 9.80 24.68
N LEU A 141 -5.75 8.62 24.75
CA LEU A 141 -4.42 8.53 25.28
C LEU A 141 -3.37 9.18 24.37
N LEU A 142 -3.57 9.05 23.06
CA LEU A 142 -2.67 9.68 22.09
C LEU A 142 -2.61 11.18 22.35
N ARG A 143 -3.76 11.79 22.58
CA ARG A 143 -3.80 13.25 22.76
C ARG A 143 -3.12 13.67 24.05
N LYS A 144 -2.99 12.75 24.99
CA LYS A 144 -2.30 13.04 26.24
C LYS A 144 -0.82 12.69 26.18
N ALA A 145 -0.45 11.74 25.32
CA ALA A 145 0.91 11.23 25.31
C ALA A 145 1.91 12.34 25.10
N ARG A 146 2.96 12.34 25.90
CA ARG A 146 4.04 13.30 25.67
C ARG A 146 5.31 12.61 25.18
N ASP A 147 5.38 11.29 25.30
CA ASP A 147 6.63 10.60 25.03
C ASP A 147 6.58 9.72 23.78
N MET A 148 7.74 9.56 23.15
CA MET A 148 7.84 8.75 21.94
C MET A 148 7.49 7.29 22.20
N ASP A 149 8.00 6.71 23.29
CA ASP A 149 7.73 5.29 23.52
C ASP A 149 6.22 4.97 23.60
N LEU A 150 5.46 5.79 24.33
CA LEU A 150 4.03 5.57 24.41
C LEU A 150 3.35 5.85 23.05
N THR A 151 3.79 6.88 22.34
CA THR A 151 3.16 7.22 21.08
C THR A 151 3.46 6.09 20.10
N GLU A 152 4.63 5.49 20.23
CA GLU A 152 5.03 4.41 19.36
C GLU A 152 4.11 3.22 19.54
N VAL A 153 3.77 2.93 20.79
CA VAL A 153 2.95 1.77 21.09
C VAL A 153 1.49 1.98 20.69
N ILE A 154 0.96 3.17 20.92
CA ILE A 154 -0.39 3.49 20.51
C ILE A 154 -0.50 3.39 18.96
N THR A 155 0.40 4.07 18.24
CA THR A 155 0.27 4.08 16.81
C THR A 155 0.53 2.70 16.22
N GLY A 156 1.36 1.87 16.88
CA GLY A 156 1.60 0.51 16.38
C GLY A 156 0.34 -0.32 16.55
N THR A 157 -0.36 -0.08 17.65
CA THR A 157 -1.58 -0.81 17.89
C THR A 157 -2.60 -0.41 16.83
N LEU A 158 -2.70 0.88 16.54
CA LEU A 158 -3.65 1.36 15.54
C LEU A 158 -3.29 0.75 14.18
N TRP A 159 -2.00 0.67 13.87
CA TRP A 159 -1.58 0.06 12.62
C TRP A 159 -2.05 -1.41 12.58
N ASN A 160 -1.90 -2.15 13.68
CA ASN A 160 -2.40 -3.53 13.69
C ASN A 160 -3.92 -3.56 13.47
N LEU A 161 -4.65 -2.72 14.18
CA LEU A 161 -6.11 -2.73 14.06
C LEU A 161 -6.58 -2.37 12.63
N SER A 162 -5.91 -1.40 12.03
CA SER A 162 -6.32 -0.87 10.75
C SER A 162 -6.33 -1.93 9.64
N SER A 163 -5.77 -3.13 9.89
CA SER A 163 -5.72 -4.11 8.80
C SER A 163 -7.01 -4.89 8.73
N HIS A 164 -7.86 -4.76 9.75
CA HIS A 164 -9.14 -5.40 9.70
C HIS A 164 -10.18 -4.50 9.02
N ASP A 165 -10.81 -5.03 7.97
CA ASP A 165 -11.70 -4.19 7.17
C ASP A 165 -12.80 -3.54 8.02
N SER A 166 -13.33 -4.28 9.01
CA SER A 166 -14.41 -3.71 9.83
C SER A 166 -13.99 -2.64 10.83
N ILE A 167 -12.70 -2.37 10.94
CA ILE A 167 -12.22 -1.36 11.88
C ILE A 167 -11.75 -0.09 11.16
N LYS A 168 -11.66 -0.17 9.83
CA LYS A 168 -11.14 0.94 9.02
C LYS A 168 -11.88 2.26 9.18
N MET A 169 -13.20 2.27 9.01
CA MET A 169 -13.97 3.51 9.13
C MET A 169 -14.02 4.02 10.58
N GLU A 170 -14.08 3.09 11.54
CA GLU A 170 -13.90 3.43 12.95
C GLU A 170 -12.66 4.29 13.13
N ILE A 171 -11.55 3.84 12.55
CA ILE A 171 -10.30 4.58 12.69
C ILE A 171 -10.35 5.88 11.89
N VAL A 172 -10.90 5.81 10.68
CA VAL A 172 -10.99 6.99 9.84
C VAL A 172 -11.82 8.04 10.55
N ASP A 173 -12.90 7.62 11.20
CA ASP A 173 -13.85 8.57 11.80
C ASP A 173 -13.43 9.06 13.20
N HIS A 174 -12.66 8.25 13.93
CA HIS A 174 -12.30 8.63 15.29
C HIS A 174 -10.81 8.96 15.52
N ALA A 175 -9.91 8.49 14.66
CA ALA A 175 -8.49 8.73 14.88
C ALA A 175 -7.86 9.64 13.84
N LEU A 176 -8.53 9.80 12.71
CA LEU A 176 -7.92 10.52 11.59
C LEU A 176 -7.28 11.85 12.01
N HIS A 177 -8.08 12.70 12.67
CA HIS A 177 -7.64 14.04 13.05
C HIS A 177 -6.57 14.09 14.15
N ALA A 178 -6.66 13.20 15.13
CA ALA A 178 -5.59 13.05 16.12
C ALA A 178 -4.29 12.52 15.48
N LEU A 179 -4.40 11.52 14.61
CA LEU A 179 -3.19 11.02 13.95
C LEU A 179 -2.52 12.15 13.13
N THR A 180 -3.33 12.94 12.43
CA THR A 180 -2.75 14.01 11.63
C THR A 180 -2.18 15.16 12.47
N ASP A 181 -2.94 15.61 13.46
CA ASP A 181 -2.59 16.79 14.24
C ASP A 181 -1.55 16.54 15.34
N GLU A 182 -1.57 15.35 15.93
CA GLU A 182 -0.65 15.02 17.02
C GLU A 182 0.61 14.36 16.50
N VAL A 183 0.54 13.74 15.32
CA VAL A 183 1.66 12.96 14.85
C VAL A 183 2.24 13.44 13.53
N ILE A 184 1.48 13.35 12.44
CA ILE A 184 2.02 13.59 11.13
C ILE A 184 2.55 15.01 11.03
N ILE A 185 1.70 16.00 11.31
CA ILE A 185 2.12 17.39 11.11
C ILE A 185 3.28 17.81 12.02
N PRO A 186 3.16 17.59 13.34
CA PRO A 186 4.28 18.04 14.18
C PRO A 186 5.61 17.33 13.90
N HIS A 187 5.59 16.02 13.70
CA HIS A 187 6.86 15.30 13.49
C HIS A 187 7.39 15.24 12.05
N SER A 188 6.57 15.61 11.08
CA SER A 188 6.98 15.60 9.69
C SER A 188 8.11 16.57 9.38
N GLY A 189 8.13 17.73 10.03
CA GLY A 189 9.10 18.76 9.67
C GLY A 189 8.42 19.81 8.80
N TRP A 190 7.22 19.48 8.32
CA TRP A 190 6.48 20.34 7.41
C TRP A 190 5.98 21.61 8.12
N GLU A 191 5.86 22.69 7.38
CA GLU A 191 5.28 23.93 7.91
C GLU A 191 4.75 24.78 6.79
N HIS A 202 12.45 19.85 11.87
CA HIS A 202 12.45 18.98 10.71
CA HIS A 202 12.71 18.91 10.79
C HIS A 202 12.08 17.54 11.04
N ILE A 203 12.25 16.62 10.08
CA ILE A 203 11.71 15.25 10.27
C ILE A 203 12.26 14.47 11.48
N GLU A 204 11.41 13.77 12.21
CA GLU A 204 11.83 13.13 13.47
C GLU A 204 10.84 12.02 13.85
N TRP A 205 11.13 11.26 14.90
CA TRP A 205 10.21 10.20 15.34
C TRP A 205 9.79 9.35 14.14
N GLU A 206 10.78 8.95 13.34
CA GLU A 206 10.53 8.24 12.10
C GLU A 206 9.66 6.98 12.27
N SER A 207 9.86 6.28 13.37
CA SER A 207 9.16 5.05 13.69
C SER A 207 7.64 5.26 13.97
N VAL A 208 7.32 6.31 14.69
CA VAL A 208 5.95 6.68 14.95
C VAL A 208 5.24 7.16 13.66
N LEU A 209 5.93 7.97 12.87
CA LEU A 209 5.46 8.39 11.56
C LEU A 209 5.22 7.16 10.70
N THR A 210 6.11 6.18 10.77
CA THR A 210 5.95 4.98 9.97
C THR A 210 4.68 4.25 10.37
N ASN A 211 4.45 4.09 11.68
CA ASN A 211 3.28 3.38 12.14
C ASN A 211 2.03 4.13 11.69
N THR A 212 2.12 5.46 11.71
CA THR A 212 0.93 6.25 11.55
C THR A 212 0.53 6.27 10.08
N ALA A 213 1.51 6.46 9.19
CA ALA A 213 1.25 6.37 7.77
C ALA A 213 0.81 4.96 7.37
N GLY A 214 1.37 3.95 8.01
CA GLY A 214 0.95 2.57 7.72
C GLY A 214 -0.52 2.39 8.06
N CYS A 215 -0.92 2.97 9.19
CA CYS A 215 -2.31 2.91 9.62
C CYS A 215 -3.25 3.63 8.61
N LEU A 216 -2.88 4.85 8.22
CA LEU A 216 -3.73 5.63 7.30
C LEU A 216 -3.75 4.99 5.91
N ARG A 217 -2.64 4.43 5.51
CA ARG A 217 -2.62 3.70 4.29
C ARG A 217 -3.64 2.53 4.29
N ASN A 218 -3.62 1.70 5.32
CA ASN A 218 -4.55 0.58 5.40
C ASN A 218 -6.02 1.00 5.34
N VAL A 219 -6.39 2.03 6.10
CA VAL A 219 -7.79 2.39 6.20
C VAL A 219 -8.27 3.09 4.91
N SER A 220 -7.33 3.49 4.06
CA SER A 220 -7.71 4.17 2.83
C SER A 220 -7.52 3.23 1.63
N SER A 221 -7.42 1.95 1.88
CA SER A 221 -7.17 1.01 0.79
C SER A 221 -8.41 0.77 -0.07
N GLU A 222 -9.59 1.15 0.42
CA GLU A 222 -10.80 1.14 -0.38
C GLU A 222 -11.80 2.10 0.28
N ARG A 223 -12.99 2.21 -0.31
CA ARG A 223 -13.99 3.14 0.18
C ARG A 223 -13.66 4.57 -0.23
N SER A 224 -14.49 5.14 -1.11
CA SER A 224 -14.32 6.55 -1.49
C SER A 224 -14.53 7.44 -0.29
N GLU A 225 -15.43 7.06 0.60
CA GLU A 225 -15.60 7.85 1.81
C GLU A 225 -14.27 8.02 2.61
N ALA A 226 -13.48 6.96 2.70
CA ALA A 226 -12.18 7.05 3.38
C ALA A 226 -11.17 7.91 2.62
N ARG A 227 -11.01 7.67 1.32
CA ARG A 227 -10.16 8.56 0.52
C ARG A 227 -10.60 10.03 0.69
N ARG A 228 -11.91 10.29 0.58
CA ARG A 228 -12.37 11.70 0.61
C ARG A 228 -12.07 12.31 2.00
N LYS A 229 -12.31 11.54 3.05
CA LYS A 229 -12.06 12.04 4.39
C LYS A 229 -10.59 12.34 4.58
N LEU A 230 -9.71 11.43 4.17
CA LEU A 230 -8.29 11.74 4.31
C LEU A 230 -7.84 12.90 3.43
N ARG A 231 -8.26 12.94 2.15
CA ARG A 231 -7.85 14.03 1.24
C ARG A 231 -8.18 15.37 1.91
N GLU A 232 -9.28 15.41 2.66
CA GLU A 232 -9.86 16.67 3.14
C GLU A 232 -9.19 17.17 4.43
N CYS A 233 -8.44 16.30 5.09
CA CYS A 233 -7.82 16.60 6.36
C CYS A 233 -6.68 17.63 6.28
N ASP A 234 -6.87 18.80 6.87
CA ASP A 234 -5.90 19.89 6.73
C ASP A 234 -4.47 19.45 6.99
N GLY A 235 -3.56 19.75 6.07
CA GLY A 235 -2.15 19.44 6.25
C GLY A 235 -1.72 18.01 5.97
N LEU A 236 -2.67 17.08 5.89
CA LEU A 236 -2.29 15.67 5.75
C LEU A 236 -1.51 15.41 4.44
N VAL A 237 -2.10 15.74 3.29
CA VAL A 237 -1.43 15.53 2.00
C VAL A 237 -0.16 16.36 1.96
N ASP A 238 -0.21 17.61 2.42
CA ASP A 238 0.98 18.45 2.36
C ASP A 238 2.18 17.78 3.03
N ALA A 239 1.95 17.31 4.24
CA ALA A 239 2.99 16.75 5.09
C ALA A 239 3.50 15.42 4.59
N LEU A 240 2.63 14.59 4.00
CA LEU A 240 3.08 13.32 3.41
C LEU A 240 4.04 13.61 2.25
N ILE A 241 3.65 14.52 1.37
CA ILE A 241 4.53 14.82 0.26
C ILE A 241 5.85 15.32 0.85
N PHE A 242 5.76 16.22 1.83
CA PHE A 242 6.94 16.77 2.44
C PHE A 242 7.84 15.68 3.03
N ILE A 243 7.23 14.70 3.69
CA ILE A 243 8.03 13.63 4.28
C ILE A 243 8.77 12.85 3.20
N VAL A 244 8.07 12.52 2.13
CA VAL A 244 8.70 11.72 1.08
C VAL A 244 9.85 12.53 0.44
N GLN A 245 9.68 13.84 0.25
CA GLN A 245 10.76 14.66 -0.29
CA GLN A 245 10.79 14.59 -0.31
C GLN A 245 11.93 14.73 0.67
N ALA A 246 11.63 14.86 1.96
CA ALA A 246 12.71 14.93 2.95
C ALA A 246 13.53 13.66 2.85
N GLU A 247 12.86 12.51 2.84
CA GLU A 247 13.60 11.24 2.81
C GLU A 247 14.44 11.09 1.57
N ILE A 248 13.87 11.39 0.41
CA ILE A 248 14.64 11.30 -0.81
C ILE A 248 15.88 12.19 -0.73
N GLY A 249 15.75 13.32 -0.03
CA GLY A 249 16.85 14.27 0.13
C GLY A 249 17.89 13.76 1.10
N GLN A 250 17.53 12.78 1.91
CA GLN A 250 18.48 12.11 2.79
C GLN A 250 18.98 10.84 2.12
N LYS A 251 18.68 10.69 0.83
CA LYS A 251 19.09 9.48 0.13
C LYS A 251 18.44 8.29 0.79
N ASP A 252 17.21 8.46 1.23
CA ASP A 252 16.45 7.33 1.68
C ASP A 252 15.24 7.17 0.78
N SER A 253 15.28 6.18 -0.09
CA SER A 253 14.19 5.92 -1.02
C SER A 253 13.69 4.51 -0.82
N ASP A 254 14.06 3.88 0.28
CA ASP A 254 13.69 2.49 0.52
C ASP A 254 13.01 2.23 1.87
N SER A 255 12.94 3.25 2.73
CA SER A 255 12.48 3.02 4.07
C SER A 255 10.99 2.62 4.10
N LYS A 256 10.56 1.96 5.16
CA LYS A 256 9.15 1.63 5.35
C LYS A 256 8.33 2.93 5.46
N LEU A 257 8.94 3.97 5.99
CA LEU A 257 8.27 5.25 6.05
C LEU A 257 7.88 5.78 4.65
N VAL A 258 8.83 5.77 3.73
CA VAL A 258 8.59 6.17 2.34
C VAL A 258 7.54 5.25 1.73
N GLU A 259 7.70 3.96 1.97
CA GLU A 259 6.76 2.98 1.48
C GLU A 259 5.33 3.31 1.92
N ASN A 260 5.14 3.50 3.23
CA ASN A 260 3.80 3.75 3.74
C ASN A 260 3.21 5.05 3.18
N CYS A 261 4.02 6.10 3.13
CA CYS A 261 3.58 7.39 2.58
C CYS A 261 3.20 7.28 1.10
N VAL A 262 4.04 6.63 0.31
CA VAL A 262 3.77 6.52 -1.11
C VAL A 262 2.56 5.62 -1.40
N CYS A 263 2.41 4.54 -0.65
CA CYS A 263 1.22 3.71 -0.80
C CYS A 263 -0.01 4.55 -0.42
N LEU A 264 0.11 5.34 0.64
CA LEU A 264 -1.02 6.14 1.06
C LEU A 264 -1.33 7.13 -0.07
N LEU A 265 -0.31 7.76 -0.63
CA LEU A 265 -0.52 8.76 -1.67
C LEU A 265 -1.14 8.11 -2.89
N ARG A 266 -0.72 6.89 -3.21
N ARG A 266 -0.70 6.89 -3.20
CA ARG A 266 -1.35 6.15 -4.29
CA ARG A 266 -1.33 6.11 -4.26
C ARG A 266 -2.83 5.92 -4.01
C ARG A 266 -2.83 5.96 -3.99
N ASN A 267 -3.19 5.60 -2.77
CA ASN A 267 -4.60 5.40 -2.43
C ASN A 267 -5.35 6.72 -2.63
N LEU A 268 -4.78 7.82 -2.19
CA LEU A 268 -5.49 9.08 -2.33
C LEU A 268 -5.54 9.56 -3.78
N SER A 269 -4.65 9.05 -4.65
CA SER A 269 -4.67 9.48 -6.04
C SER A 269 -5.73 8.68 -6.83
N TYR A 270 -6.13 7.55 -6.25
CA TYR A 270 -7.13 6.71 -6.89
C TYR A 270 -8.45 7.47 -7.06
N GLN A 271 -8.86 7.67 -8.30
CA GLN A 271 -10.10 8.37 -8.61
C GLN A 271 -10.22 9.79 -8.10
N VAL A 272 -9.09 10.44 -7.86
CA VAL A 272 -9.10 11.80 -7.39
C VAL A 272 -9.88 12.69 -8.39
N HIS A 273 -9.86 12.30 -9.64
CA HIS A 273 -10.53 13.09 -10.67
C HIS A 273 -12.05 13.06 -10.54
N ARG A 274 -12.61 12.00 -9.97
CA ARG A 274 -14.07 11.98 -9.77
C ARG A 274 -14.44 12.38 -8.34
N GLU A 275 -13.54 12.24 -7.38
CA GLU A 275 -13.92 12.33 -5.97
C GLU A 275 -13.55 13.67 -5.34
N ILE A 276 -12.79 14.48 -6.06
CA ILE A 276 -12.31 15.72 -5.51
C ILE A 276 -13.57 16.55 -5.40
N PRO A 277 -13.73 17.27 -4.29
CA PRO A 277 -14.90 18.15 -4.15
C PRO A 277 -15.10 19.03 -5.36
N GLN A 278 -16.35 19.17 -5.75
CA GLN A 278 -16.71 19.84 -6.98
C GLN A 278 -15.79 19.41 -8.11
N ALA A 279 -15.76 18.11 -8.42
CA ALA A 279 -15.15 17.68 -9.67
C ALA A 279 -15.75 18.61 -10.72
N GLU A 280 -14.96 19.55 -11.23
CA GLU A 280 -15.47 20.56 -12.18
C GLU A 280 -14.36 20.92 -13.11
N ARG A 281 -13.15 20.51 -12.71
CA ARG A 281 -11.94 20.74 -13.50
C ARG A 281 -11.93 19.85 -14.73
N SER A 296 -3.26 32.26 -6.56
CA SER A 296 -4.11 31.22 -5.97
C SER A 296 -3.41 29.86 -6.03
N PRO A 297 -2.49 29.60 -5.08
CA PRO A 297 -1.68 28.38 -5.18
C PRO A 297 -2.44 27.10 -4.84
N ALA A 298 -1.91 25.96 -5.28
CA ALA A 298 -2.51 24.68 -4.99
C ALA A 298 -2.34 24.40 -3.50
N ARG A 299 -3.32 23.76 -2.89
CA ARG A 299 -3.20 23.31 -1.50
C ARG A 299 -4.04 22.07 -1.25
N GLY A 300 -3.76 21.38 -0.15
CA GLY A 300 -4.56 20.24 0.25
C GLY A 300 -4.57 19.20 -0.83
N TYR A 301 -5.72 18.57 -1.10
CA TYR A 301 -5.74 17.50 -2.11
C TYR A 301 -5.30 17.98 -3.50
N GLU A 302 -5.23 19.28 -3.73
CA GLU A 302 -4.76 19.76 -5.02
C GLU A 302 -3.34 19.36 -5.25
N LEU A 303 -2.56 19.26 -4.18
CA LEU A 303 -1.17 18.80 -4.28
C LEU A 303 -1.06 17.41 -4.89
N LEU A 304 -2.12 16.62 -4.87
CA LEU A 304 -1.99 15.25 -5.39
C LEU A 304 -1.70 15.22 -6.90
N PHE A 305 -2.02 16.30 -7.60
CA PHE A 305 -1.84 16.31 -9.03
C PHE A 305 -1.04 17.52 -9.50
N GLN A 306 -0.21 18.10 -8.62
CA GLN A 306 0.74 19.10 -9.10
C GLN A 306 2.04 18.47 -9.60
N PRO A 307 2.84 19.25 -10.35
CA PRO A 307 4.04 18.64 -10.96
C PRO A 307 4.97 17.99 -9.94
N GLU A 308 5.17 18.64 -8.80
CA GLU A 308 6.19 18.16 -7.86
C GLU A 308 6.01 16.70 -7.44
N VAL A 309 4.79 16.30 -7.08
CA VAL A 309 4.62 14.94 -6.58
C VAL A 309 4.79 13.93 -7.71
N VAL A 310 4.44 14.35 -8.92
CA VAL A 310 4.62 13.55 -10.10
C VAL A 310 6.11 13.31 -10.29
N ARG A 311 6.89 14.37 -10.17
CA ARG A 311 8.36 14.24 -10.24
C ARG A 311 8.93 13.31 -9.16
N ILE A 312 8.39 13.37 -7.96
CA ILE A 312 8.78 12.47 -6.87
C ILE A 312 8.56 10.98 -7.19
N TYR A 313 7.38 10.65 -7.71
CA TYR A 313 7.11 9.29 -8.11
C TYR A 313 8.17 8.85 -9.11
N ILE A 314 8.38 9.67 -10.13
CA ILE A 314 9.36 9.33 -11.14
C ILE A 314 10.76 9.12 -10.53
N SER A 315 11.19 10.02 -9.65
CA SER A 315 12.48 9.83 -9.04
C SER A 315 12.53 8.56 -8.17
N LEU A 316 11.42 8.20 -7.50
CA LEU A 316 11.38 6.92 -6.79
C LEU A 316 11.54 5.73 -7.74
N LEU A 317 10.88 5.81 -8.91
CA LEU A 317 11.05 4.76 -9.91
C LEU A 317 12.52 4.56 -10.28
N LYS A 318 13.33 5.60 -10.15
CA LYS A 318 14.74 5.47 -10.56
C LYS A 318 15.66 5.13 -9.41
N GLU A 319 15.32 5.54 -8.20
CA GLU A 319 16.24 5.38 -7.07
C GLU A 319 15.90 4.20 -6.17
N SER A 320 14.61 3.92 -5.99
CA SER A 320 14.23 2.88 -5.05
C SER A 320 14.53 1.47 -5.52
N LYS A 321 14.91 0.60 -4.59
CA LYS A 321 15.11 -0.82 -4.95
C LYS A 321 14.02 -1.72 -4.39
N THR A 322 13.07 -1.11 -3.67
CA THR A 322 12.09 -1.86 -2.90
C THR A 322 10.83 -2.10 -3.72
N PRO A 323 10.48 -3.36 -3.95
CA PRO A 323 9.35 -3.61 -4.84
C PRO A 323 8.05 -2.85 -4.45
N ALA A 324 7.73 -2.79 -3.15
CA ALA A 324 6.46 -2.20 -2.78
C ALA A 324 6.44 -0.70 -3.09
N ILE A 325 7.62 -0.09 -3.09
CA ILE A 325 7.70 1.35 -3.34
C ILE A 325 7.62 1.62 -4.85
N LEU A 326 8.19 0.73 -5.65
CA LEU A 326 8.16 0.85 -7.10
C LEU A 326 6.72 0.62 -7.56
N GLU A 327 6.10 -0.43 -7.02
CA GLU A 327 4.72 -0.68 -7.35
C GLU A 327 3.85 0.51 -6.96
N ALA A 328 4.01 1.03 -5.74
CA ALA A 328 3.14 2.11 -5.30
C ALA A 328 3.32 3.36 -6.13
N SER A 329 4.56 3.68 -6.49
CA SER A 329 4.83 4.89 -7.27
C SER A 329 4.27 4.77 -8.70
N ALA A 330 4.40 3.57 -9.28
CA ALA A 330 3.89 3.34 -10.62
C ALA A 330 2.39 3.43 -10.52
N GLY A 331 1.85 2.87 -9.43
CA GLY A 331 0.41 2.88 -9.19
C GLY A 331 -0.14 4.29 -9.02
N ALA A 332 0.56 5.14 -8.28
CA ALA A 332 0.04 6.50 -8.13
C ALA A 332 0.04 7.18 -9.49
N ILE A 333 1.10 6.99 -10.28
CA ILE A 333 1.16 7.54 -11.63
C ILE A 333 -0.02 7.01 -12.47
N GLN A 334 -0.27 5.70 -12.39
CA GLN A 334 -1.38 5.11 -13.12
C GLN A 334 -2.70 5.79 -12.74
N ASN A 335 -2.91 5.97 -11.43
CA ASN A 335 -4.16 6.54 -10.90
C ASN A 335 -4.37 8.00 -11.36
N LEU A 336 -3.30 8.77 -11.36
CA LEU A 336 -3.36 10.15 -11.79
C LEU A 336 -3.58 10.21 -13.29
N CYS A 337 -3.20 9.17 -14.03
CA CYS A 337 -3.33 9.21 -15.48
C CYS A 337 -4.69 8.68 -15.97
N ALA A 338 -5.46 8.06 -15.09
CA ALA A 338 -6.65 7.33 -15.49
C ALA A 338 -7.78 8.19 -16.03
N GLY A 339 -7.86 9.42 -15.59
CA GLY A 339 -9.08 10.13 -15.83
C GLY A 339 -9.06 11.11 -16.98
N ARG A 340 -10.23 11.32 -17.55
CA ARG A 340 -10.43 12.36 -18.52
C ARG A 340 -10.65 13.64 -17.74
N TRP A 341 -9.65 14.51 -17.75
CA TRP A 341 -9.77 15.80 -17.10
C TRP A 341 -8.47 16.53 -17.39
N THR A 342 -8.54 17.84 -17.28
CA THR A 342 -7.45 18.70 -17.65
C THR A 342 -6.12 18.22 -17.09
N TYR A 343 -6.08 17.93 -15.79
CA TYR A 343 -4.83 17.60 -15.13
C TYR A 343 -4.31 16.25 -15.53
N GLY A 344 -5.22 15.31 -15.74
CA GLY A 344 -4.86 14.04 -16.33
C GLY A 344 -4.13 14.22 -17.66
N ARG A 345 -4.62 15.16 -18.51
CA ARG A 345 -3.99 15.41 -19.82
C ARG A 345 -2.59 15.95 -19.61
N TYR A 346 -2.47 16.97 -18.76
CA TYR A 346 -1.16 17.54 -18.48
C TYR A 346 -0.16 16.48 -17.99
N ILE A 347 -0.61 15.61 -17.10
CA ILE A 347 0.30 14.67 -16.47
C ILE A 347 0.71 13.55 -17.44
N ARG A 348 -0.27 13.01 -18.18
CA ARG A 348 0.04 12.06 -19.26
C ARG A 348 1.01 12.68 -20.30
N SER A 349 0.74 13.92 -20.70
CA SER A 349 1.57 14.53 -21.71
C SER A 349 3.01 14.71 -21.16
N ALA A 350 3.12 15.14 -19.90
CA ALA A 350 4.44 15.36 -19.29
C ALA A 350 5.20 14.04 -19.18
N LEU A 351 4.47 12.97 -18.90
CA LEU A 351 5.06 11.68 -18.63
C LEU A 351 5.51 10.96 -19.90
N ARG A 352 5.01 11.38 -21.06
CA ARG A 352 5.47 10.79 -22.32
C ARG A 352 6.71 11.47 -22.82
N GLN A 353 7.59 11.90 -21.94
CA GLN A 353 8.87 12.40 -22.39
C GLN A 353 9.85 11.26 -22.22
N GLU A 354 10.99 11.38 -22.86
CA GLU A 354 12.03 10.37 -22.87
C GLU A 354 12.43 9.85 -21.46
N LYS A 355 12.73 10.75 -20.54
CA LYS A 355 13.23 10.35 -19.23
C LYS A 355 12.18 9.60 -18.40
N ALA A 356 10.96 10.10 -18.38
CA ALA A 356 9.94 9.47 -17.54
C ALA A 356 9.52 8.12 -18.12
N LEU A 357 9.37 8.07 -19.44
CA LEU A 357 9.00 6.82 -20.11
C LEU A 357 10.02 5.74 -19.86
N SER A 358 11.27 6.12 -19.85
CA SER A 358 12.34 5.15 -19.63
C SER A 358 12.29 4.71 -18.17
N ALA A 359 12.02 5.65 -17.27
CA ALA A 359 11.99 5.30 -15.88
C ALA A 359 10.90 4.25 -15.69
N ILE A 360 9.73 4.51 -16.26
CA ILE A 360 8.59 3.60 -16.12
C ILE A 360 8.81 2.26 -16.81
N ALA A 361 9.35 2.30 -18.02
CA ALA A 361 9.47 1.09 -18.84
C ALA A 361 10.49 0.14 -18.23
N ASP A 362 11.50 0.71 -17.59
CA ASP A 362 12.55 -0.09 -16.98
C ASP A 362 12.01 -0.99 -15.85
N LEU A 363 10.96 -0.57 -15.16
CA LEU A 363 10.42 -1.46 -14.16
C LEU A 363 9.97 -2.75 -14.82
N LEU A 364 9.91 -2.78 -16.15
CA LEU A 364 9.43 -4.01 -16.78
C LEU A 364 10.50 -5.09 -16.70
N THR A 365 11.75 -4.68 -16.58
CA THR A 365 12.84 -5.64 -16.37
C THR A 365 13.04 -6.01 -14.89
N ASN A 366 12.30 -5.40 -13.96
CA ASN A 366 12.37 -5.80 -12.56
C ASN A 366 11.99 -7.26 -12.47
N GLU A 367 12.68 -7.99 -11.62
CA GLU A 367 12.46 -9.41 -11.43
C GLU A 367 11.14 -9.72 -10.73
N HIS A 368 10.54 -8.73 -10.08
CA HIS A 368 9.35 -8.95 -9.27
C HIS A 368 8.07 -8.72 -10.05
N GLU A 369 7.28 -9.77 -10.19
CA GLU A 369 6.01 -9.74 -10.92
C GLU A 369 5.18 -8.50 -10.64
N ARG A 370 4.94 -8.21 -9.37
CA ARG A 370 3.98 -7.14 -9.04
C ARG A 370 4.49 -5.78 -9.55
N VAL A 371 5.80 -5.64 -9.67
CA VAL A 371 6.37 -4.41 -10.19
C VAL A 371 6.13 -4.37 -11.71
N VAL A 372 6.39 -5.50 -12.37
CA VAL A 372 6.13 -5.63 -13.79
C VAL A 372 4.68 -5.22 -14.05
N LYS A 373 3.76 -5.73 -13.26
CA LYS A 373 2.36 -5.44 -13.52
C LYS A 373 2.03 -3.97 -13.38
N ALA A 374 2.59 -3.33 -12.36
CA ALA A 374 2.37 -1.90 -12.08
C ALA A 374 2.88 -1.02 -13.22
N ALA A 375 4.08 -1.30 -13.70
CA ALA A 375 4.60 -0.64 -14.87
C ALA A 375 3.62 -0.78 -16.04
N SER A 376 3.06 -1.96 -16.22
CA SER A 376 2.17 -2.21 -17.36
C SER A 376 0.92 -1.33 -17.32
N GLY A 377 0.26 -1.32 -16.16
CA GLY A 377 -0.88 -0.43 -15.93
C GLY A 377 -0.53 1.02 -16.18
N ALA A 378 0.64 1.46 -15.71
CA ALA A 378 1.01 2.87 -15.90
C ALA A 378 1.20 3.17 -17.38
N LEU A 379 2.00 2.35 -18.05
CA LEU A 379 2.18 2.46 -19.50
C LEU A 379 0.87 2.45 -20.26
N ARG A 380 -0.03 1.55 -19.86
CA ARG A 380 -1.32 1.49 -20.48
C ARG A 380 -2.05 2.83 -20.46
N ASN A 381 -2.13 3.45 -19.28
CA ASN A 381 -2.91 4.69 -19.19
C ASN A 381 -2.23 5.81 -19.97
N LEU A 382 -0.91 5.74 -20.09
CA LEU A 382 -0.20 6.73 -20.92
C LEU A 382 -0.54 6.60 -22.39
N ALA A 383 -0.89 5.40 -22.83
CA ALA A 383 -1.01 5.14 -24.25
C ALA A 383 -2.34 5.57 -24.82
N VAL A 384 -3.33 5.72 -23.96
CA VAL A 384 -4.70 5.98 -24.40
C VAL A 384 -4.82 7.20 -25.32
N ASP A 385 -4.22 8.33 -24.95
CA ASP A 385 -4.19 9.49 -25.87
C ASP A 385 -2.78 9.86 -26.35
N ALA A 386 -1.88 8.87 -26.48
CA ALA A 386 -0.49 9.18 -26.84
C ALA A 386 -0.31 9.92 -28.19
N ARG A 387 0.84 10.60 -28.38
CA ARG A 387 1.04 11.38 -29.61
C ARG A 387 2.47 11.39 -30.14
N ASN A 388 3.45 10.98 -29.33
CA ASN A 388 4.70 10.52 -29.93
C ASN A 388 4.62 9.00 -30.05
N LYS A 389 3.66 8.59 -30.85
CA LYS A 389 3.46 7.21 -31.19
C LYS A 389 4.79 6.47 -31.29
N GLU A 390 5.80 7.13 -31.84
CA GLU A 390 7.13 6.52 -31.90
C GLU A 390 7.65 6.30 -30.47
N LEU A 391 7.47 7.29 -29.61
CA LEU A 391 8.04 7.28 -28.26
C LEU A 391 7.58 6.12 -27.37
N ILE A 392 6.31 6.14 -26.96
CA ILE A 392 5.76 5.05 -26.19
C ILE A 392 6.17 3.73 -26.83
N GLY A 393 5.85 3.57 -28.10
CA GLY A 393 6.20 2.37 -28.86
C GLY A 393 7.62 1.96 -28.60
N LYS A 394 8.57 2.88 -28.79
CA LYS A 394 9.99 2.58 -28.65
C LYS A 394 10.31 2.13 -27.23
N HIS A 395 9.76 2.83 -26.26
CA HIS A 395 10.09 2.57 -24.87
C HIS A 395 9.35 1.39 -24.25
N ALA A 396 8.13 1.16 -24.70
CA ALA A 396 7.29 0.16 -24.06
C ALA A 396 7.34 -1.25 -24.69
N ILE A 397 7.34 -1.34 -26.01
CA ILE A 397 7.08 -2.62 -26.66
C ILE A 397 8.11 -3.71 -26.38
N PRO A 398 9.40 -3.41 -26.54
CA PRO A 398 10.39 -4.46 -26.33
C PRO A 398 10.34 -5.07 -24.92
N ASN A 399 10.27 -4.25 -23.87
CA ASN A 399 10.20 -4.79 -22.51
C ASN A 399 8.88 -5.50 -22.20
N LEU A 400 7.76 -5.01 -22.77
CA LEU A 400 6.50 -5.70 -22.57
C LEU A 400 6.59 -7.09 -23.16
N VAL A 401 7.08 -7.19 -24.39
CA VAL A 401 7.14 -8.44 -25.12
C VAL A 401 8.04 -9.45 -24.39
N LYS A 402 9.17 -8.97 -23.88
CA LYS A 402 10.03 -9.78 -23.03
C LYS A 402 9.31 -10.40 -21.84
N ASN A 403 8.29 -9.72 -21.32
CA ASN A 403 7.56 -10.27 -20.19
C ASN A 403 6.39 -11.17 -20.56
N LEU A 404 6.27 -11.52 -21.83
CA LEU A 404 5.32 -12.55 -22.21
C LEU A 404 6.01 -13.88 -22.27
N PRO A 405 5.28 -14.94 -21.92
CA PRO A 405 5.76 -16.30 -22.09
C PRO A 405 6.05 -16.56 -23.55
N GLY A 406 7.03 -17.40 -23.83
CA GLY A 406 7.25 -17.88 -25.19
C GLY A 406 8.65 -17.63 -25.69
N GLY A 407 9.54 -17.17 -24.82
CA GLY A 407 10.93 -16.95 -25.20
C GLY A 407 11.88 -17.66 -24.26
N GLN A 408 13.03 -17.04 -24.02
CA GLN A 408 14.07 -17.62 -23.17
C GLN A 408 14.03 -17.07 -21.73
N GLN A 409 13.46 -15.89 -21.52
CA GLN A 409 13.20 -15.42 -20.16
C GLN A 409 12.30 -16.44 -19.46
N ASN A 410 12.90 -17.25 -18.58
CA ASN A 410 12.15 -18.21 -17.76
C ASN A 410 11.00 -17.59 -16.99
N SER A 411 11.27 -16.49 -16.29
CA SER A 411 10.28 -15.96 -15.37
C SER A 411 8.93 -15.69 -16.02
N SER A 412 8.90 -15.27 -17.28
CA SER A 412 7.59 -14.91 -17.82
C SER A 412 6.73 -16.11 -18.14
N TRP A 413 7.33 -17.29 -18.14
CA TRP A 413 6.54 -18.51 -18.24
C TRP A 413 5.82 -18.78 -16.93
N ASN A 414 6.19 -18.08 -15.88
CA ASN A 414 5.67 -18.38 -14.55
C ASN A 414 4.77 -17.27 -14.02
N PHE A 415 4.65 -16.18 -14.78
CA PHE A 415 3.75 -15.10 -14.37
C PHE A 415 2.33 -15.61 -14.23
N SER A 416 1.57 -15.00 -13.34
CA SER A 416 0.16 -15.34 -13.23
C SER A 416 -0.66 -14.81 -14.43
N GLU A 417 -1.84 -15.41 -14.59
CA GLU A 417 -2.83 -14.96 -15.56
C GLU A 417 -3.10 -13.45 -15.58
N ASP A 418 -3.35 -12.84 -14.42
CA ASP A 418 -3.63 -11.40 -14.40
C ASP A 418 -2.46 -10.55 -14.89
N THR A 419 -1.22 -10.96 -14.61
CA THR A 419 -0.08 -10.23 -15.14
C THR A 419 0.00 -10.33 -16.66
N VAL A 420 -0.10 -11.53 -17.20
CA VAL A 420 -0.07 -11.72 -18.64
C VAL A 420 -1.18 -10.94 -19.35
N ILE A 421 -2.39 -10.98 -18.81
CA ILE A 421 -3.49 -10.25 -19.41
C ILE A 421 -3.23 -8.75 -19.33
N SER A 422 -2.69 -8.29 -18.21
CA SER A 422 -2.29 -6.89 -18.08
C SER A 422 -1.32 -6.47 -19.20
N ILE A 423 -0.29 -7.28 -19.42
CA ILE A 423 0.67 -6.99 -20.48
C ILE A 423 0.02 -7.00 -21.86
N LEU A 424 -0.73 -8.07 -22.15
CA LEU A 424 -1.44 -8.12 -23.43
C LEU A 424 -2.33 -6.87 -23.66
N ASN A 425 -3.19 -6.55 -22.70
CA ASN A 425 -4.04 -5.34 -22.80
C ASN A 425 -3.22 -4.07 -23.04
N THR A 426 -2.09 -3.98 -22.35
CA THR A 426 -1.25 -2.81 -22.49
C THR A 426 -0.66 -2.80 -23.88
N ILE A 427 -0.21 -3.98 -24.34
CA ILE A 427 0.32 -4.06 -25.68
C ILE A 427 -0.73 -3.59 -26.69
N ASN A 428 -1.96 -4.07 -26.51
CA ASN A 428 -3.05 -3.76 -27.42
C ASN A 428 -3.29 -2.25 -27.47
N GLU A 429 -3.32 -1.63 -26.29
CA GLU A 429 -3.51 -0.18 -26.22
C GLU A 429 -2.37 0.56 -26.93
N VAL A 430 -1.14 0.13 -26.72
CA VAL A 430 0.00 0.81 -27.29
C VAL A 430 0.08 0.69 -28.82
N ILE A 431 -0.51 -0.36 -29.38
CA ILE A 431 -0.38 -0.54 -30.83
C ILE A 431 -1.67 -0.21 -31.55
N ALA A 432 -2.72 0.16 -30.82
CA ALA A 432 -4.03 0.42 -31.45
C ALA A 432 -3.95 1.30 -32.71
N GLU A 433 -3.31 2.46 -32.64
CA GLU A 433 -3.13 3.25 -33.90
C GLU A 433 -1.72 3.76 -34.00
N ASN A 434 -0.79 2.82 -34.16
CA ASN A 434 0.62 3.11 -34.04
C ASN A 434 1.34 2.05 -34.82
N LEU A 435 1.38 2.20 -36.13
CA LEU A 435 1.97 1.21 -37.02
C LEU A 435 3.38 0.85 -36.59
N GLU A 436 4.11 1.85 -36.12
CA GLU A 436 5.53 1.66 -35.79
C GLU A 436 5.66 0.85 -34.51
N ALA A 437 4.69 1.00 -33.62
CA ALA A 437 4.60 0.16 -32.45
C ALA A 437 4.31 -1.29 -32.86
N ALA A 438 3.34 -1.47 -33.76
CA ALA A 438 3.01 -2.81 -34.29
C ALA A 438 4.23 -3.44 -34.93
N LYS A 439 5.01 -2.62 -35.62
CA LYS A 439 6.24 -3.10 -36.27
C LYS A 439 7.28 -3.51 -35.25
N LYS A 440 7.42 -2.74 -34.17
CA LYS A 440 8.43 -3.06 -33.19
C LYS A 440 8.00 -4.34 -32.48
N LEU A 441 6.68 -4.53 -32.39
CA LEU A 441 6.15 -5.75 -31.83
C LEU A 441 6.66 -6.88 -32.71
N ARG A 442 6.38 -6.79 -34.01
CA ARG A 442 6.83 -7.84 -34.94
C ARG A 442 8.33 -8.04 -34.91
N GLU A 443 9.08 -6.97 -34.67
CA GLU A 443 10.52 -7.05 -34.75
C GLU A 443 11.13 -7.74 -33.52
N THR A 444 10.34 -7.84 -32.45
CA THR A 444 10.81 -8.43 -31.19
C THR A 444 10.29 -9.85 -30.98
N GLN A 445 9.84 -10.48 -32.07
CA GLN A 445 9.34 -11.84 -32.02
C GLN A 445 8.12 -11.96 -31.11
N GLY A 446 7.37 -10.86 -30.98
CA GLY A 446 6.17 -10.83 -30.17
C GLY A 446 4.94 -11.45 -30.78
N ILE A 447 4.90 -11.54 -32.10
CA ILE A 447 3.86 -12.31 -32.79
C ILE A 447 3.95 -13.81 -32.44
N GLU A 448 5.16 -14.36 -32.38
CA GLU A 448 5.37 -15.74 -31.93
C GLU A 448 4.66 -15.97 -30.57
N LYS A 449 4.89 -15.05 -29.65
CA LYS A 449 4.37 -15.16 -28.31
C LYS A 449 2.86 -15.03 -28.27
N LEU A 450 2.31 -14.10 -29.03
CA LEU A 450 0.88 -13.97 -29.08
C LEU A 450 0.22 -15.23 -29.59
N VAL A 451 0.82 -15.86 -30.61
CA VAL A 451 0.29 -17.08 -31.19
C VAL A 451 0.45 -18.22 -30.18
N LEU A 452 1.59 -18.25 -29.51
CA LEU A 452 1.82 -19.27 -28.52
C LEU A 452 0.74 -19.16 -27.43
N ILE A 453 0.40 -17.94 -27.01
CA ILE A 453 -0.60 -17.78 -25.98
C ILE A 453 -1.97 -18.16 -26.53
N ASN A 454 -2.31 -17.59 -27.68
CA ASN A 454 -3.61 -17.79 -28.28
C ASN A 454 -3.88 -19.26 -28.58
N LYS A 455 -2.84 -20.00 -28.94
CA LYS A 455 -3.01 -21.42 -29.30
C LYS A 455 -2.60 -22.36 -28.17
N SER A 456 -2.56 -21.85 -26.95
CA SER A 456 -2.21 -22.67 -25.82
C SER A 456 -3.32 -23.67 -25.52
N GLY A 457 -2.95 -24.92 -25.25
CA GLY A 457 -3.90 -25.87 -24.72
C GLY A 457 -4.05 -25.78 -23.20
N ASN A 458 -3.38 -24.84 -22.55
CA ASN A 458 -3.46 -24.79 -21.08
C ASN A 458 -3.87 -23.45 -20.48
N ARG A 459 -3.75 -22.36 -21.20
CA ARG A 459 -4.17 -21.09 -20.65
C ARG A 459 -5.68 -20.89 -20.64
N SER A 460 -6.17 -19.92 -19.86
CA SER A 460 -7.62 -19.77 -19.73
C SER A 460 -8.22 -19.08 -20.94
N GLU A 461 -9.54 -19.19 -21.06
CA GLU A 461 -10.30 -18.42 -22.05
C GLU A 461 -9.97 -16.93 -22.04
N LYS A 462 -9.98 -16.31 -20.87
CA LYS A 462 -9.67 -14.89 -20.79
C LYS A 462 -8.27 -14.57 -21.35
N GLU A 463 -7.31 -15.42 -21.06
CA GLU A 463 -5.96 -15.14 -21.52
C GLU A 463 -5.87 -15.39 -23.02
N VAL A 464 -6.53 -16.43 -23.50
CA VAL A 464 -6.53 -16.71 -24.92
C VAL A 464 -7.20 -15.55 -25.66
N ARG A 465 -8.30 -15.06 -25.12
CA ARG A 465 -9.03 -13.96 -25.74
C ARG A 465 -8.18 -12.69 -25.72
N ALA A 466 -7.56 -12.39 -24.59
CA ALA A 466 -6.72 -11.23 -24.55
C ALA A 466 -5.70 -11.30 -25.67
N ALA A 467 -5.12 -12.48 -25.94
CA ALA A 467 -4.11 -12.56 -26.99
C ALA A 467 -4.73 -12.35 -28.37
N ALA A 468 -5.93 -12.87 -28.59
CA ALA A 468 -6.60 -12.73 -29.85
C ALA A 468 -6.85 -11.26 -30.15
N LEU A 469 -7.23 -10.50 -29.13
CA LEU A 469 -7.49 -9.07 -29.33
C LEU A 469 -6.26 -8.38 -29.91
N VAL A 470 -5.10 -8.55 -29.29
CA VAL A 470 -3.89 -7.99 -29.86
C VAL A 470 -3.68 -8.47 -31.30
N LEU A 471 -3.87 -9.77 -31.53
CA LEU A 471 -3.68 -10.31 -32.87
C LEU A 471 -4.61 -9.66 -33.87
N GLN A 472 -5.85 -9.44 -33.48
CA GLN A 472 -6.79 -8.79 -34.39
C GLN A 472 -6.41 -7.33 -34.68
N THR A 473 -5.78 -6.67 -33.72
CA THR A 473 -5.29 -5.32 -33.96
C THR A 473 -4.12 -5.39 -34.93
N ILE A 474 -3.26 -6.37 -34.73
CA ILE A 474 -2.13 -6.53 -35.62
C ILE A 474 -2.63 -6.81 -37.03
N TRP A 475 -3.71 -7.58 -37.13
CA TRP A 475 -4.26 -7.96 -38.42
C TRP A 475 -4.81 -6.73 -39.16
N GLY A 476 -5.10 -5.66 -38.42
CA GLY A 476 -5.59 -4.41 -39.03
C GLY A 476 -4.60 -3.69 -39.96
N TYR A 477 -3.31 -3.91 -39.76
CA TYR A 477 -2.27 -3.24 -40.55
C TYR A 477 -1.78 -4.10 -41.71
N LYS A 478 -1.85 -3.57 -42.92
CA LYS A 478 -1.47 -4.31 -44.11
C LYS A 478 -0.04 -4.85 -44.04
N GLU A 479 0.88 -4.03 -43.53
CA GLU A 479 2.32 -4.35 -43.53
C GLU A 479 2.71 -5.50 -42.58
N LEU A 480 1.89 -5.74 -41.56
CA LEU A 480 2.09 -6.84 -40.62
C LEU A 480 1.33 -8.09 -41.06
N ARG A 481 0.25 -7.87 -41.81
CA ARG A 481 -0.65 -8.91 -42.29
C ARG A 481 -0.01 -9.82 -43.33
N LYS A 482 0.56 -9.20 -44.38
CA LYS A 482 1.07 -9.94 -45.54
C LYS A 482 2.18 -10.95 -45.20
N PRO A 483 3.08 -10.59 -44.27
CA PRO A 483 4.13 -11.52 -43.83
C PRO A 483 3.61 -12.79 -43.12
N LEU A 484 2.59 -12.65 -42.29
CA LEU A 484 1.94 -13.83 -41.72
C LEU A 484 1.15 -14.64 -42.75
N GLU A 485 0.56 -13.96 -43.74
CA GLU A 485 -0.13 -14.68 -44.81
C GLU A 485 0.87 -15.52 -45.59
N LYS A 486 2.09 -15.00 -45.70
CA LYS A 486 3.18 -15.69 -46.37
C LYS A 486 3.62 -16.94 -45.59
N GLU A 487 3.22 -17.00 -44.32
CA GLU A 487 3.46 -18.19 -43.52
C GLU A 487 2.31 -19.18 -43.71
N GLY A 488 1.14 -18.66 -44.08
CA GLY A 488 -0.07 -19.47 -44.25
C GLY A 488 -1.20 -19.11 -43.28
N TRP A 489 -0.95 -18.14 -42.40
CA TRP A 489 -1.97 -17.68 -41.44
C TRP A 489 -3.12 -16.95 -42.12
N LYS A 490 -4.33 -17.15 -41.63
CA LYS A 490 -5.46 -16.35 -42.07
C LYS A 490 -6.19 -15.76 -40.87
N LYS A 491 -7.05 -14.77 -41.12
CA LYS A 491 -7.58 -13.96 -40.03
C LYS A 491 -8.33 -14.79 -39.01
N SER A 492 -9.09 -15.76 -39.51
CA SER A 492 -9.94 -16.56 -38.64
C SER A 492 -9.15 -17.52 -37.76
N ASP A 493 -7.85 -17.63 -37.99
CA ASP A 493 -7.03 -18.45 -37.12
C ASP A 493 -7.05 -17.89 -35.70
N PHE A 494 -7.41 -16.62 -35.59
CA PHE A 494 -7.30 -15.91 -34.32
C PHE A 494 -8.61 -15.25 -33.89
N GLN A 495 -9.70 -16.00 -33.88
CA GLN A 495 -10.98 -15.42 -33.53
C GLN A 495 -11.01 -14.95 -32.08
N VAL A 496 -11.71 -13.86 -31.84
CA VAL A 496 -12.10 -13.48 -30.48
C VAL A 496 -13.46 -14.11 -30.15
N ASN A 497 -13.62 -14.61 -28.92
CA ASN A 497 -14.90 -15.18 -28.50
C ASN A 497 -15.29 -14.71 -27.09
N ASP B 1 -4.34 -7.08 4.89
CA ASP B 1 -3.31 -5.99 4.91
C ASP B 1 -2.23 -6.26 5.96
N GLU B 2 -1.15 -5.52 5.86
CA GLU B 2 -0.07 -5.72 6.80
C GLU B 2 -0.41 -5.18 8.19
N GLU B 3 -0.21 -6.02 9.20
CA GLU B 3 -0.30 -5.65 10.62
C GLU B 3 1.10 -5.22 11.04
N GLY B 4 1.46 -4.00 10.68
CA GLY B 4 2.84 -3.57 10.78
C GLY B 4 3.23 -3.12 12.18
N GLY B 5 2.26 -2.97 13.07
CA GLY B 5 2.58 -2.64 14.43
C GLY B 5 3.43 -3.75 15.02
N GLY B 6 3.10 -5.01 14.68
CA GLY B 6 3.87 -6.13 15.16
C GLY B 6 3.55 -6.44 16.60
N GLU B 7 4.43 -7.19 17.25
CA GLU B 7 4.23 -7.56 18.64
C GLU B 7 5.58 -7.50 19.30
N GLU B 8 5.63 -7.16 20.58
CA GLU B 8 6.90 -7.11 21.34
C GLU B 8 6.79 -7.93 22.62
N ASP B 9 7.89 -8.55 23.01
CA ASP B 9 8.04 -9.15 24.31
C ASP B 9 8.13 -8.05 25.37
N GLN B 10 8.02 -8.41 26.64
CA GLN B 10 8.00 -7.38 27.69
C GLN B 10 8.66 -7.81 29.02
N ASP B 11 9.16 -6.85 29.78
CA ASP B 11 9.68 -7.18 31.09
C ASP B 11 8.63 -7.02 32.17
N PHE B 12 8.87 -7.66 33.31
CA PHE B 12 7.91 -7.68 34.40
C PHE B 12 8.66 -8.30 35.58
N ASP B 13 8.14 -8.06 36.78
CA ASP B 13 8.69 -8.64 38.01
C ASP B 13 7.74 -9.70 38.54
N LEU B 14 8.01 -10.94 38.19
CA LEU B 14 7.12 -12.01 38.55
C LEU B 14 6.82 -12.09 40.05
N SER B 15 7.75 -11.63 40.90
CA SER B 15 7.62 -11.84 42.34
C SER B 15 6.59 -10.94 42.95
N GLN B 16 6.21 -9.90 42.22
CA GLN B 16 5.22 -8.97 42.71
C GLN B 16 3.82 -9.38 42.26
N LEU B 17 3.69 -10.51 41.58
CA LEU B 17 2.37 -10.91 41.07
C LEU B 17 1.64 -11.82 42.03
N HIS B 18 1.00 -11.23 43.02
CA HIS B 18 0.18 -11.97 43.99
C HIS B 18 -0.76 -10.98 44.68
S SO4 C . 6.39 -10.67 -6.61
O1 SO4 C . 5.22 -11.45 -6.21
O2 SO4 C . 5.92 -9.39 -7.08
O3 SO4 C . 7.13 -11.38 -7.66
O4 SO4 C . 7.34 -10.42 -5.53
S SO4 D . -13.41 1.20 -3.84
O1 SO4 D . -13.84 0.16 -4.77
O2 SO4 D . -13.92 0.86 -2.52
O3 SO4 D . -13.95 2.49 -4.27
O4 SO4 D . -11.95 1.16 -3.87
S SO4 E . 7.36 -17.53 31.92
O1 SO4 E . 6.28 -17.39 32.91
O2 SO4 E . 8.17 -16.30 31.88
O3 SO4 E . 6.80 -17.77 30.59
O4 SO4 E . 8.22 -18.65 32.30
S SO4 F . 12.83 -13.48 -24.82
O1 SO4 F . 12.06 -13.87 -23.64
O2 SO4 F . 13.31 -14.69 -25.49
O3 SO4 F . 14.00 -12.72 -24.39
O4 SO4 F . 11.95 -12.71 -25.70
#